data_4RZ3
#
_entry.id   4RZ3
#
_cell.length_a   51.250
_cell.length_b   72.560
_cell.length_c   65.620
_cell.angle_alpha   90.00
_cell.angle_beta   93.73
_cell.angle_gamma   90.00
#
_symmetry.space_group_name_H-M   'P 1 21 1'
#
loop_
_entity.id
_entity.type
_entity.pdbx_description
1 polymer 'Site-determining protein'
2 non-polymer "ADENOSINE-5'-DIPHOSPHATE"
3 water water
#
_entity_poly.entity_id   1
_entity_poly.type   'polypeptide(L)'
_entity_poly.pdbx_seq_one_letter_code
;MGHHHHHHMVKDQAEQLRLKLSRLRQQPSPRTIAVTSGKGGVGKSNVSLNFSLSLSKLGFRVLLLDMAIGMGNIDILLGE
SSSLALADWFSARLPLSELVKSGPEHLSYIAGGTGAAQWQGLDTASIDRFLTELQAVASQYDYLIFDMGAGASGERLYFL
KSVDDVFVVTTPEPTAMTDAYAMMKYMHAAGSEAPFSVIVNRAGKEREGYEVFERLKHVTGRFLNKDIALLGIIPEDRTV
ARAVVSQTPFVLLDPAAKASKAVRQMAFRYAPQREEGTERASRFFAKLRQLFLER
;
_entity_poly.pdbx_strand_id   A,B
#
# COMPACT_ATOMS: atom_id res chain seq x y z
N SER A 29 3.92 28.26 12.67
CA SER A 29 2.80 28.36 13.58
C SER A 29 1.63 27.41 13.30
N PRO A 30 1.56 26.78 12.11
CA PRO A 30 0.48 25.80 11.99
C PRO A 30 0.77 24.51 12.74
N ARG A 31 -0.28 23.76 13.06
CA ARG A 31 -0.10 22.42 13.61
C ARG A 31 0.09 21.42 12.47
N THR A 32 1.09 20.54 12.60
CA THR A 32 1.39 19.59 11.53
C THR A 32 0.91 18.20 11.91
N ILE A 33 0.22 17.54 10.96
CA ILE A 33 -0.34 16.19 11.16
C ILE A 33 0.17 15.31 10.02
N ALA A 34 0.77 14.17 10.34
CA ALA A 34 1.12 13.17 9.32
C ALA A 34 0.14 12.01 9.46
N VAL A 35 -0.54 11.68 8.38
CA VAL A 35 -1.45 10.54 8.35
C VAL A 35 -0.71 9.38 7.72
N THR A 36 -0.53 8.30 8.49
CA THR A 36 0.30 7.18 8.10
C THR A 36 -0.53 5.90 8.20
N SER A 37 0.02 4.81 7.70
CA SER A 37 -0.60 3.50 7.84
C SER A 37 0.46 2.41 7.75
N GLY A 38 0.13 1.22 8.22
CA GLY A 38 1.08 0.12 8.11
C GLY A 38 1.14 -0.46 6.71
N LYS A 39 -0.01 -0.48 6.02
CA LYS A 39 -0.10 -0.96 4.65
C LYS A 39 -1.16 -0.16 3.89
N GLY A 40 -1.09 -0.20 2.56
CA GLY A 40 -2.09 0.47 1.75
C GLY A 40 -3.40 -0.28 1.78
N GLY A 41 -4.42 0.28 1.14
CA GLY A 41 -5.74 -0.32 1.17
C GLY A 41 -6.48 -0.20 2.49
N VAL A 42 -6.15 0.77 3.33
CA VAL A 42 -6.87 0.93 4.59
C VAL A 42 -7.79 2.16 4.60
N GLY A 43 -7.83 2.86 3.47
CA GLY A 43 -8.64 4.06 3.34
C GLY A 43 -7.91 5.33 3.73
N LYS A 44 -6.58 5.28 3.81
CA LYS A 44 -5.80 6.41 4.34
C LYS A 44 -5.98 7.69 3.53
N SER A 45 -5.87 7.59 2.21
CA SER A 45 -6.02 8.78 1.38
C SER A 45 -7.42 9.37 1.47
N ASN A 46 -8.42 8.51 1.48
CA ASN A 46 -9.81 8.94 1.65
C ASN A 46 -10.05 9.62 2.99
N VAL A 47 -9.48 9.04 4.04
CA VAL A 47 -9.53 9.67 5.35
C VAL A 47 -8.79 11.00 5.40
N SER A 48 -7.56 11.05 4.90
CA SER A 48 -6.81 12.32 4.86
C SER A 48 -7.59 13.46 4.19
N LEU A 49 -8.12 13.17 3.01
CA LEU A 49 -8.84 14.14 2.20
C LEU A 49 -10.13 14.54 2.88
N ASN A 50 -10.91 13.57 3.32
CA ASN A 50 -12.22 13.92 3.90
C ASN A 50 -12.12 14.53 5.29
N PHE A 51 -11.09 14.16 6.05
CA PHE A 51 -10.82 14.82 7.33
C PHE A 51 -10.37 16.28 7.15
N SER A 52 -9.51 16.51 6.15
CA SER A 52 -9.05 17.86 5.84
C SER A 52 -10.23 18.72 5.45
N LEU A 53 -11.13 18.17 4.63
CA LEU A 53 -12.29 18.95 4.17
C LEU A 53 -13.19 19.32 5.34
N SER A 54 -13.37 18.39 6.27
CA SER A 54 -14.18 18.67 7.45
C SER A 54 -13.56 19.79 8.29
N LEU A 55 -12.24 19.77 8.47
CA LEU A 55 -11.55 20.82 9.21
C LEU A 55 -11.70 22.18 8.50
N SER A 56 -11.60 22.19 7.18
CA SER A 56 -11.76 23.43 6.45
C SER A 56 -13.19 23.97 6.58
N LYS A 57 -14.16 23.07 6.58
CA LYS A 57 -15.57 23.42 6.73
C LYS A 57 -15.88 24.02 8.12
N LEU A 58 -15.13 23.61 9.14
CA LEU A 58 -15.27 24.24 10.45
C LEU A 58 -14.67 25.66 10.46
N GLY A 59 -14.05 26.08 9.35
CA GLY A 59 -13.51 27.43 9.25
C GLY A 59 -12.01 27.58 9.41
N PHE A 60 -11.27 26.47 9.48
CA PHE A 60 -9.81 26.52 9.62
C PHE A 60 -9.12 26.60 8.26
N ARG A 61 -7.90 27.14 8.24
CA ARG A 61 -7.15 27.20 6.98
C ARG A 61 -6.32 25.93 6.93
N VAL A 62 -6.58 25.08 5.94
CA VAL A 62 -5.91 23.77 5.84
C VAL A 62 -5.14 23.63 4.54
N LEU A 63 -3.92 23.11 4.62
CA LEU A 63 -3.17 22.69 3.44
C LEU A 63 -2.93 21.17 3.52
N LEU A 64 -3.39 20.44 2.51
CA LEU A 64 -3.19 18.99 2.43
C LEU A 64 -2.12 18.69 1.42
N LEU A 65 -1.10 17.95 1.86
CA LEU A 65 -0.01 17.56 0.97
C LEU A 65 0.00 16.07 0.66
N ASP A 66 -0.12 15.76 -0.62
CA ASP A 66 -0.04 14.37 -1.08
C ASP A 66 1.42 14.02 -1.26
N MET A 67 1.95 13.23 -0.33
CA MET A 67 3.38 12.92 -0.31
C MET A 67 3.75 11.69 -1.14
N ALA A 68 2.76 11.13 -1.83
CA ALA A 68 2.98 9.94 -2.67
C ALA A 68 3.45 10.39 -4.06
N ILE A 69 4.67 10.93 -4.13
CA ILE A 69 5.19 11.52 -5.35
C ILE A 69 5.27 10.52 -6.51
N GLY A 70 4.71 10.91 -7.65
CA GLY A 70 4.70 10.04 -8.81
C GLY A 70 3.54 9.06 -8.77
N MET A 71 2.82 9.03 -7.64
CA MET A 71 1.69 8.13 -7.45
C MET A 71 0.55 8.87 -6.73
N GLY A 72 0.34 10.14 -7.06
CA GLY A 72 -0.67 10.93 -6.37
C GLY A 72 -2.09 10.43 -6.53
N ASN A 73 -2.86 10.40 -5.44
CA ASN A 73 -4.25 9.93 -5.46
C ASN A 73 -5.28 11.04 -5.12
N ILE A 74 -4.83 12.14 -4.54
CA ILE A 74 -5.74 13.21 -4.11
C ILE A 74 -6.44 13.92 -5.28
N ASP A 75 -5.68 14.28 -6.32
CA ASP A 75 -6.25 14.76 -7.59
C ASP A 75 -7.37 13.84 -8.07
N ILE A 76 -7.07 12.54 -8.13
CA ILE A 76 -8.07 11.55 -8.58
C ILE A 76 -9.36 11.56 -7.75
N LEU A 77 -9.23 11.52 -6.43
CA LEU A 77 -10.39 11.53 -5.52
C LEU A 77 -11.22 12.81 -5.63
N LEU A 78 -10.56 13.88 -6.07
CA LEU A 78 -11.22 15.17 -6.24
C LEU A 78 -11.75 15.34 -7.66
N GLY A 79 -11.30 14.47 -8.58
CA GLY A 79 -11.66 14.59 -9.98
C GLY A 79 -11.07 15.83 -10.63
N GLU A 80 -9.91 16.25 -10.16
CA GLU A 80 -9.25 17.39 -10.78
C GLU A 80 -8.10 16.91 -11.65
N SER A 81 -7.94 17.57 -12.78
CA SER A 81 -6.95 17.14 -13.75
C SER A 81 -5.58 17.67 -13.44
N SER A 82 -4.58 16.81 -13.58
CA SER A 82 -3.15 17.08 -13.33
C SER A 82 -2.54 18.37 -12.73
N SER A 83 -2.16 19.27 -13.59
CA SER A 83 -1.53 20.52 -13.22
C SER A 83 -0.21 20.15 -12.54
N LEU A 84 0.48 21.15 -12.05
CA LEU A 84 1.78 20.92 -11.46
C LEU A 84 1.67 20.07 -10.19
N ALA A 85 2.61 19.23 -9.95
CA ALA A 85 2.62 18.36 -8.81
C ALA A 85 4.04 18.18 -8.26
N LEU A 86 4.18 17.46 -7.18
CA LEU A 86 5.50 17.18 -6.60
C LEU A 86 6.46 16.57 -7.63
N ALA A 87 5.94 15.79 -8.57
CA ALA A 87 6.77 15.16 -9.59
C ALA A 87 7.43 16.19 -10.54
N ASP A 88 6.84 17.36 -10.67
CA ASP A 88 7.41 18.43 -11.48
C ASP A 88 8.36 19.26 -10.62
N TRP A 89 8.09 19.29 -9.33
CA TRP A 89 8.91 20.03 -8.37
C TRP A 89 10.28 19.37 -8.21
N PHE A 90 10.27 18.04 -8.23
CA PHE A 90 11.43 17.24 -7.83
C PHE A 90 12.68 17.48 -8.67
N SER A 91 12.50 17.58 -9.98
CA SER A 91 13.61 17.62 -10.91
C SER A 91 13.89 19.03 -11.36
N ALA A 92 12.96 19.92 -11.06
CA ALA A 92 12.80 21.11 -11.87
C ALA A 92 12.73 22.43 -11.13
N ARG A 93 13.60 22.60 -10.14
CA ARG A 93 13.93 23.91 -9.57
C ARG A 93 12.74 24.89 -9.53
N LEU A 94 11.81 24.58 -8.64
CA LEU A 94 10.49 25.18 -8.65
C LEU A 94 10.05 25.22 -7.21
N PRO A 95 9.49 26.37 -6.77
CA PRO A 95 9.08 26.65 -5.39
C PRO A 95 7.75 25.98 -5.02
N LEU A 96 7.69 25.30 -3.86
CA LEU A 96 6.47 24.64 -3.39
C LEU A 96 5.23 25.53 -3.46
N SER A 97 5.43 26.82 -3.19
CA SER A 97 4.36 27.80 -3.18
C SER A 97 3.53 27.77 -4.46
N GLU A 98 4.15 27.40 -5.57
CA GLU A 98 3.48 27.44 -6.85
C GLU A 98 2.74 26.15 -7.19
N LEU A 99 2.86 25.16 -6.31
CA LEU A 99 2.17 23.88 -6.50
C LEU A 99 0.81 23.89 -5.81
N VAL A 100 0.55 24.92 -4.99
CA VAL A 100 -0.69 24.98 -4.22
C VAL A 100 -1.92 25.14 -5.12
N LYS A 101 -2.88 24.22 -4.95
CA LYS A 101 -4.07 24.14 -5.77
C LYS A 101 -5.26 24.38 -4.88
N SER A 102 -6.32 24.94 -5.43
CA SER A 102 -7.53 25.19 -4.66
C SER A 102 -8.49 24.00 -4.76
N GLY A 103 -8.89 23.43 -3.63
CA GLY A 103 -9.85 22.34 -3.63
C GLY A 103 -11.18 22.88 -3.15
N PRO A 104 -12.19 22.01 -3.04
CA PRO A 104 -13.51 22.45 -2.54
C PRO A 104 -13.45 22.93 -1.09
N GLU A 105 -14.47 23.68 -0.65
CA GLU A 105 -14.58 24.20 0.72
C GLU A 105 -13.35 24.94 1.25
N HIS A 106 -12.68 25.67 0.36
CA HIS A 106 -11.49 26.46 0.71
C HIS A 106 -10.26 25.64 1.10
N LEU A 107 -10.31 24.34 0.87
CA LEU A 107 -9.13 23.50 1.10
C LEU A 107 -8.08 23.84 0.05
N SER A 108 -6.82 23.95 0.48
CA SER A 108 -5.70 24.09 -0.43
C SER A 108 -4.96 22.77 -0.41
N TYR A 109 -4.33 22.39 -1.51
CA TYR A 109 -3.57 21.14 -1.49
C TYR A 109 -2.48 21.13 -2.55
N ILE A 110 -1.54 20.21 -2.38
CA ILE A 110 -0.45 19.96 -3.31
C ILE A 110 -0.53 18.51 -3.75
N ALA A 111 -0.56 18.28 -5.06
CA ALA A 111 -0.73 16.95 -5.63
C ALA A 111 0.59 16.24 -5.70
N GLY A 112 0.56 14.91 -5.61
CA GLY A 112 1.77 14.10 -5.70
C GLY A 112 2.26 13.98 -7.13
N GLY A 113 1.34 13.93 -8.06
CA GLY A 113 1.62 13.76 -9.46
C GLY A 113 1.64 12.34 -10.02
N THR A 114 1.38 12.31 -11.31
CA THR A 114 1.26 11.16 -12.16
C THR A 114 2.51 10.79 -12.87
N GLY A 115 3.50 11.64 -12.71
CA GLY A 115 4.82 11.36 -13.15
C GLY A 115 4.91 11.85 -14.58
N ALA A 116 6.07 12.07 -15.13
CA ALA A 116 7.41 11.71 -14.78
C ALA A 116 7.57 10.49 -15.64
N ALA A 117 8.52 10.55 -16.51
CA ALA A 117 8.89 9.45 -17.32
C ALA A 117 9.48 8.33 -16.47
N GLN A 118 10.21 8.71 -15.46
CA GLN A 118 10.93 7.84 -14.57
C GLN A 118 10.50 7.99 -13.14
N TRP A 119 10.62 6.95 -12.38
CA TRP A 119 10.43 7.02 -10.94
C TRP A 119 11.39 8.05 -10.34
N GLN A 120 10.89 8.80 -9.35
CA GLN A 120 11.75 9.68 -8.54
C GLN A 120 11.37 9.63 -7.06
N GLY A 121 12.36 9.38 -6.21
CA GLY A 121 12.10 9.22 -4.79
C GLY A 121 12.67 10.31 -3.91
N LEU A 122 11.91 10.71 -2.89
CA LEU A 122 12.39 11.63 -1.89
C LEU A 122 13.56 11.02 -1.11
N ASP A 123 14.71 11.69 -1.12
CA ASP A 123 15.80 11.28 -0.24
C ASP A 123 15.92 12.29 0.90
N THR A 124 16.90 12.06 1.77
CA THR A 124 17.18 12.94 2.90
C THR A 124 17.33 14.41 2.49
N ALA A 125 18.05 14.68 1.40
CA ALA A 125 18.29 16.04 0.97
C ALA A 125 17.07 16.68 0.29
N SER A 126 16.25 15.86 -0.36
CA SER A 126 15.03 16.38 -0.99
C SER A 126 13.95 16.69 0.06
N ILE A 127 13.89 15.87 1.11
CA ILE A 127 13.03 16.14 2.27
C ILE A 127 13.42 17.47 2.93
N ASP A 128 14.71 17.70 3.13
CA ASP A 128 15.20 18.98 3.65
C ASP A 128 14.73 20.12 2.76
N ARG A 129 14.93 19.97 1.44
CA ARG A 129 14.49 20.99 0.48
C ARG A 129 12.98 21.20 0.63
N PHE A 130 12.24 20.11 0.69
CA PHE A 130 10.79 20.17 0.87
C PHE A 130 10.42 20.94 2.14
N LEU A 131 10.90 20.46 3.27
CA LEU A 131 10.56 21.06 4.56
C LEU A 131 11.01 22.52 4.66
N THR A 132 12.11 22.86 4.01
CA THR A 132 12.57 24.24 3.99
C THR A 132 11.58 25.14 3.24
N GLU A 133 11.31 24.77 1.99
CA GLU A 133 10.42 25.55 1.13
C GLU A 133 9.01 25.60 1.70
N LEU A 134 8.62 24.55 2.40
CA LEU A 134 7.31 24.50 3.04
C LEU A 134 7.14 25.66 4.04
N GLN A 135 8.24 26.07 4.68
CA GLN A 135 8.16 27.14 5.66
C GLN A 135 7.82 28.48 5.05
N ALA A 136 7.94 28.61 3.74
CA ALA A 136 7.58 29.87 3.08
C ALA A 136 6.07 30.12 3.04
N VAL A 137 5.28 29.06 3.18
CA VAL A 137 3.82 29.21 3.13
C VAL A 137 3.12 28.68 4.38
N ALA A 138 3.84 27.88 5.18
CA ALA A 138 3.26 27.24 6.36
C ALA A 138 2.50 28.26 7.19
N SER A 139 3.09 29.44 7.30
CA SER A 139 2.53 30.56 8.05
C SER A 139 1.08 30.94 7.70
N GLN A 140 0.64 30.63 6.47
CA GLN A 140 -0.71 31.01 6.05
C GLN A 140 -1.80 30.00 6.44
N TYR A 141 -1.44 28.98 7.22
CA TYR A 141 -2.40 27.92 7.55
C TYR A 141 -2.46 27.65 9.04
N ASP A 142 -3.59 27.08 9.49
CA ASP A 142 -3.74 26.57 10.84
C ASP A 142 -3.26 25.12 10.94
N TYR A 143 -3.45 24.37 9.85
CA TYR A 143 -3.09 22.95 9.82
C TYR A 143 -2.40 22.58 8.50
N LEU A 144 -1.30 21.85 8.62
CA LEU A 144 -0.67 21.21 7.48
C LEU A 144 -0.87 19.73 7.70
N ILE A 145 -1.45 19.06 6.71
CA ILE A 145 -1.74 17.64 6.81
C ILE A 145 -1.03 16.88 5.70
N PHE A 146 -0.17 15.96 6.10
CA PHE A 146 0.61 15.18 5.16
C PHE A 146 -0.01 13.81 4.97
N ASP A 147 -0.46 13.54 3.75
CA ASP A 147 -0.93 12.20 3.40
C ASP A 147 0.33 11.39 3.04
N MET A 148 0.89 10.66 4.01
CA MET A 148 2.18 9.98 3.81
C MET A 148 2.03 8.75 2.95
N GLY A 149 3.13 8.35 2.32
CA GLY A 149 3.13 7.06 1.62
C GLY A 149 2.91 6.01 2.69
N ALA A 150 2.21 4.93 2.36
CA ALA A 150 1.90 3.90 3.35
C ALA A 150 3.14 3.11 3.71
N GLY A 151 3.13 2.49 4.89
CA GLY A 151 4.26 1.70 5.32
C GLY A 151 5.41 2.57 5.80
N ALA A 152 6.58 1.96 5.96
CA ALA A 152 7.73 2.68 6.48
C ALA A 152 8.85 2.79 5.44
N SER A 153 9.79 3.70 5.70
CA SER A 153 10.96 3.94 4.88
C SER A 153 11.93 4.65 5.79
N GLY A 154 13.23 4.57 5.51
CA GLY A 154 14.19 5.38 6.23
C GLY A 154 13.88 6.85 6.00
N GLU A 155 13.40 7.18 4.80
CA GLU A 155 13.07 8.56 4.45
C GLU A 155 11.81 9.06 5.13
N ARG A 156 10.77 8.23 5.15
CA ARG A 156 9.52 8.62 5.82
C ARG A 156 9.77 8.90 7.28
N LEU A 157 10.57 8.04 7.91
CA LEU A 157 10.82 8.14 9.34
C LEU A 157 11.62 9.38 9.65
N TYR A 158 12.49 9.79 8.72
CA TYR A 158 13.23 11.04 8.84
C TYR A 158 12.25 12.22 8.69
N PHE A 159 11.19 12.01 7.92
CA PHE A 159 10.24 13.10 7.67
C PHE A 159 9.31 13.29 8.85
N LEU A 160 9.01 12.19 9.53
CA LEU A 160 7.97 12.14 10.55
C LEU A 160 8.39 12.58 11.94
N LYS A 161 9.42 13.39 12.05
CA LYS A 161 9.85 13.83 13.36
C LYS A 161 9.80 15.35 13.50
N SER A 162 9.51 16.03 12.40
CA SER A 162 9.18 17.44 12.49
C SER A 162 7.67 17.64 12.50
N VAL A 163 6.91 16.57 12.77
CA VAL A 163 5.45 16.71 12.87
C VAL A 163 4.91 16.64 14.30
N ASP A 164 3.87 17.41 14.57
CA ASP A 164 3.26 17.50 15.89
C ASP A 164 2.39 16.29 16.24
N ASP A 165 1.59 15.82 15.28
CA ASP A 165 0.65 14.73 15.51
C ASP A 165 0.83 13.64 14.45
N VAL A 166 0.77 12.38 14.86
CA VAL A 166 0.82 11.28 13.90
C VAL A 166 -0.49 10.54 14.01
N PHE A 167 -1.27 10.52 12.91
CA PHE A 167 -2.47 9.70 12.87
C PHE A 167 -2.08 8.38 12.22
N VAL A 168 -2.59 7.28 12.75
CA VAL A 168 -2.33 5.99 12.15
C VAL A 168 -3.63 5.33 11.79
N VAL A 169 -3.80 5.01 10.51
CA VAL A 169 -5.09 4.47 10.07
C VAL A 169 -5.00 2.94 9.94
N THR A 170 -6.04 2.23 10.39
CA THR A 170 -6.06 0.77 10.28
C THR A 170 -7.47 0.31 10.04
N THR A 171 -7.62 -0.94 9.59
CA THR A 171 -8.92 -1.59 9.57
C THR A 171 -8.93 -2.73 10.57
N PRO A 172 -10.07 -3.41 10.72
CA PRO A 172 -10.10 -4.51 11.68
C PRO A 172 -9.41 -5.77 11.15
N GLU A 173 -8.92 -5.78 9.92
CA GLU A 173 -8.23 -6.97 9.42
C GLU A 173 -6.88 -7.24 10.09
N PRO A 174 -6.57 -8.52 10.34
CA PRO A 174 -5.33 -8.85 11.07
C PRO A 174 -4.05 -8.35 10.38
N THR A 175 -4.01 -8.37 9.04
CA THR A 175 -2.88 -7.85 8.31
C THR A 175 -2.72 -6.34 8.57
N ALA A 176 -3.82 -5.62 8.44
CA ALA A 176 -3.82 -4.17 8.63
C ALA A 176 -3.36 -3.81 10.05
N MET A 177 -3.91 -4.52 11.03
CA MET A 177 -3.59 -4.27 12.44
C MET A 177 -2.13 -4.59 12.79
N THR A 178 -1.63 -5.72 12.29
CA THR A 178 -0.25 -6.12 12.53
C THR A 178 0.68 -5.08 11.93
N ASP A 179 0.33 -4.56 10.75
CA ASP A 179 1.20 -3.62 10.08
C ASP A 179 1.16 -2.27 10.77
N ALA A 180 -0.02 -1.91 11.28
CA ALA A 180 -0.15 -0.68 12.03
C ALA A 180 0.69 -0.73 13.30
N TYR A 181 0.69 -1.87 13.99
CA TYR A 181 1.58 -2.04 15.13
C TYR A 181 3.05 -1.84 14.78
N ALA A 182 3.50 -2.51 13.72
CA ALA A 182 4.91 -2.44 13.33
C ALA A 182 5.29 -1.01 12.93
N MET A 183 4.38 -0.30 12.26
CA MET A 183 4.64 1.10 11.91
C MET A 183 4.81 1.96 13.16
N MET A 184 3.96 1.75 14.15
CA MET A 184 4.08 2.50 15.41
C MET A 184 5.40 2.16 16.11
N LYS A 185 5.76 0.87 16.13
CA LYS A 185 7.05 0.45 16.67
C LYS A 185 8.25 1.09 15.96
N TYR A 186 8.21 1.16 14.63
CA TYR A 186 9.29 1.77 13.86
C TYR A 186 9.42 3.27 14.09
N MET A 187 8.29 3.99 14.05
CA MET A 187 8.30 5.43 14.28
C MET A 187 8.84 5.75 15.68
N HIS A 188 8.43 4.94 16.67
CA HIS A 188 8.87 5.10 18.05
C HIS A 188 10.37 4.84 18.21
N ALA A 189 10.86 3.81 17.53
CA ALA A 189 12.28 3.47 17.56
C ALA A 189 13.13 4.53 16.87
N ALA A 190 12.54 5.29 15.96
CA ALA A 190 13.27 6.33 15.23
C ALA A 190 13.30 7.66 15.98
N GLY A 191 12.82 7.65 17.22
CA GLY A 191 12.87 8.83 18.08
C GLY A 191 11.66 9.76 18.04
N SER A 192 10.63 9.41 17.26
CA SER A 192 9.42 10.22 17.21
C SER A 192 8.79 10.39 18.59
N GLU A 193 8.62 11.65 19.01
CA GLU A 193 8.05 11.96 20.31
C GLU A 193 6.57 12.37 20.19
N ALA A 194 6.09 12.43 18.95
CA ALA A 194 4.73 12.88 18.69
C ALA A 194 3.67 11.92 19.26
N PRO A 195 2.54 12.47 19.74
CA PRO A 195 1.44 11.58 20.14
C PRO A 195 0.86 10.80 18.94
N PHE A 196 0.62 9.50 19.12
CA PHE A 196 0.01 8.66 18.08
C PHE A 196 -1.49 8.60 18.32
N SER A 197 -2.28 8.95 17.30
CA SER A 197 -3.74 8.76 17.39
C SER A 197 -4.19 7.79 16.30
N VAL A 198 -5.02 6.82 16.68
CA VAL A 198 -5.45 5.78 15.75
C VAL A 198 -6.82 6.12 15.15
N ILE A 199 -6.95 5.87 13.85
CA ILE A 199 -8.25 5.93 13.20
C ILE A 199 -8.60 4.52 12.76
N VAL A 200 -9.66 3.97 13.33
CA VAL A 200 -10.09 2.66 12.88
C VAL A 200 -11.17 2.82 11.82
N ASN A 201 -10.82 2.49 10.57
CA ASN A 201 -11.71 2.72 9.44
C ASN A 201 -12.31 1.39 8.99
N ARG A 202 -13.43 1.43 8.27
CA ARG A 202 -14.10 0.23 7.77
C ARG A 202 -14.56 -0.72 8.89
N ALA A 203 -15.05 -0.15 9.99
CA ALA A 203 -15.58 -0.96 11.07
C ALA A 203 -16.99 -1.46 10.71
N GLY A 204 -17.26 -2.74 10.93
CA GLY A 204 -18.58 -3.29 10.61
C GLY A 204 -19.63 -2.78 11.59
N LYS A 205 -19.29 -2.85 12.87
CA LYS A 205 -20.10 -2.25 13.93
C LYS A 205 -19.20 -1.31 14.71
N GLU A 206 -19.77 -0.28 15.32
CA GLU A 206 -18.99 0.68 16.10
C GLU A 206 -18.16 -0.02 17.18
N ARG A 207 -18.73 -1.09 17.74
CA ARG A 207 -18.03 -1.84 18.78
C ARG A 207 -16.74 -2.50 18.31
N GLU A 208 -16.71 -2.91 17.05
CA GLU A 208 -15.52 -3.52 16.49
C GLU A 208 -14.34 -2.53 16.47
N GLY A 209 -14.66 -1.25 16.33
CA GLY A 209 -13.63 -0.21 16.38
C GLY A 209 -12.93 -0.25 17.72
N TYR A 210 -13.71 -0.41 18.77
CA TYR A 210 -13.15 -0.46 20.12
C TYR A 210 -12.34 -1.72 20.33
N GLU A 211 -12.78 -2.83 19.74
CA GLU A 211 -12.07 -4.09 19.89
C GLU A 211 -10.70 -3.95 19.24
N VAL A 212 -10.67 -3.33 18.07
CA VAL A 212 -9.43 -3.12 17.34
C VAL A 212 -8.50 -2.21 18.14
N PHE A 213 -9.02 -1.08 18.58
CA PHE A 213 -8.21 -0.13 19.31
C PHE A 213 -7.64 -0.76 20.59
N GLU A 214 -8.48 -1.51 21.31
CA GLU A 214 -8.06 -2.06 22.60
C GLU A 214 -6.85 -2.98 22.46
N ARG A 215 -6.87 -3.80 21.41
CA ARG A 215 -5.73 -4.64 21.10
C ARG A 215 -4.46 -3.81 20.81
N LEU A 216 -4.59 -2.76 20.00
CA LEU A 216 -3.42 -1.98 19.61
C LEU A 216 -2.86 -1.21 20.79
N LYS A 217 -3.76 -0.59 21.57
CA LYS A 217 -3.39 0.17 22.75
C LYS A 217 -2.67 -0.76 23.72
N HIS A 218 -3.09 -2.02 23.74
CA HIS A 218 -2.53 -3.01 24.63
C HIS A 218 -1.08 -3.36 24.27
N VAL A 219 -0.86 -3.87 23.06
CA VAL A 219 0.48 -4.28 22.66
C VAL A 219 1.47 -3.12 22.57
N THR A 220 1.00 -1.92 22.26
CA THR A 220 1.88 -0.74 22.21
C THR A 220 2.23 -0.28 23.62
N GLY A 221 1.25 -0.37 24.53
CA GLY A 221 1.41 0.14 25.88
C GLY A 221 2.27 -0.78 26.72
N ARG A 222 2.09 -2.08 26.53
CA ARG A 222 2.86 -3.10 27.27
C ARG A 222 4.25 -3.33 26.68
N PHE A 223 4.43 -3.14 25.37
CA PHE A 223 5.71 -3.52 24.75
C PHE A 223 6.65 -2.32 24.50
N LEU A 224 6.04 -1.18 24.14
CA LEU A 224 6.77 0.04 23.75
C LEU A 224 6.74 1.10 24.85
N ASN A 225 5.92 0.83 25.88
CA ASN A 225 5.57 1.85 26.88
C ASN A 225 5.18 3.16 26.20
N LYS A 226 4.22 3.08 25.28
CA LYS A 226 3.73 4.25 24.56
C LYS A 226 2.20 4.38 24.69
N ASP A 227 1.74 5.50 25.24
CA ASP A 227 0.31 5.72 25.41
C ASP A 227 -0.30 6.26 24.10
N ILE A 228 -1.14 5.47 23.43
CA ILE A 228 -1.79 5.95 22.20
C ILE A 228 -3.27 6.27 22.43
N ALA A 229 -3.83 7.12 21.57
CA ALA A 229 -5.22 7.57 21.70
C ALA A 229 -6.07 7.13 20.50
N LEU A 230 -7.39 7.03 20.71
CA LEU A 230 -8.32 6.77 19.62
C LEU A 230 -8.79 8.09 19.04
N LEU A 231 -8.50 8.35 17.77
CA LEU A 231 -9.04 9.56 17.16
C LEU A 231 -10.51 9.35 16.78
N GLY A 232 -10.86 8.14 16.35
CA GLY A 232 -12.24 7.89 15.99
C GLY A 232 -12.44 6.62 15.21
N ILE A 233 -13.71 6.27 15.01
CA ILE A 233 -14.08 5.03 14.32
C ILE A 233 -14.94 5.41 13.12
N ILE A 234 -14.54 4.96 11.93
CA ILE A 234 -15.28 5.24 10.71
C ILE A 234 -15.86 3.91 10.24
N PRO A 235 -17.18 3.87 10.03
CA PRO A 235 -17.84 2.62 9.67
C PRO A 235 -17.62 2.28 8.20
N GLU A 236 -17.62 0.99 7.89
CA GLU A 236 -17.74 0.49 6.53
C GLU A 236 -18.99 1.12 5.91
N ASP A 237 -18.88 1.63 4.69
CA ASP A 237 -19.98 2.40 4.10
C ASP A 237 -19.84 2.44 2.59
N ARG A 238 -20.85 1.95 1.87
CA ARG A 238 -20.80 1.85 0.41
C ARG A 238 -20.60 3.21 -0.23
N THR A 239 -21.08 4.24 0.45
CA THR A 239 -20.89 5.63 0.05
C THR A 239 -19.43 5.96 -0.26
N VAL A 240 -18.50 5.41 0.51
CA VAL A 240 -17.08 5.73 0.27
C VAL A 240 -16.63 5.28 -1.14
N ALA A 241 -16.95 4.04 -1.47
CA ALA A 241 -16.58 3.45 -2.76
C ALA A 241 -17.27 4.18 -3.90
N ARG A 242 -18.52 4.57 -3.66
CA ARG A 242 -19.25 5.38 -4.62
C ARG A 242 -18.54 6.72 -4.85
N ALA A 243 -18.10 7.37 -3.76
CA ALA A 243 -17.32 8.62 -3.87
C ALA A 243 -16.05 8.48 -4.71
N VAL A 244 -15.38 7.34 -4.61
CA VAL A 244 -14.15 7.11 -5.37
C VAL A 244 -14.44 6.98 -6.87
N VAL A 245 -15.43 6.18 -7.22
CA VAL A 245 -15.83 6.07 -8.63
C VAL A 245 -16.33 7.39 -9.19
N SER A 246 -17.12 8.10 -8.40
CA SER A 246 -17.64 9.41 -8.81
C SER A 246 -16.59 10.51 -8.74
N GLN A 247 -15.45 10.20 -8.13
CA GLN A 247 -14.40 11.22 -7.96
C GLN A 247 -14.94 12.51 -7.34
N THR A 248 -15.70 12.34 -6.25
CA THR A 248 -16.28 13.43 -5.45
C THR A 248 -16.20 12.97 -3.99
N PRO A 249 -15.45 13.69 -3.13
CA PRO A 249 -15.23 13.25 -1.75
C PRO A 249 -16.53 12.93 -1.01
N PHE A 250 -16.57 11.83 -0.26
CA PHE A 250 -17.82 11.36 0.32
C PHE A 250 -18.48 12.32 1.30
N VAL A 251 -17.69 13.12 2.01
CA VAL A 251 -18.32 14.10 2.91
C VAL A 251 -19.07 15.20 2.16
N LEU A 252 -18.77 15.37 0.88
CA LEU A 252 -19.47 16.37 0.07
C LEU A 252 -20.57 15.74 -0.78
N LEU A 253 -20.28 14.54 -1.31
CA LEU A 253 -21.24 13.78 -2.07
C LEU A 253 -22.51 13.53 -1.26
N ASP A 254 -22.36 13.10 -0.01
CA ASP A 254 -23.49 12.85 0.89
C ASP A 254 -23.14 13.10 2.35
N PRO A 255 -23.36 14.35 2.81
CA PRO A 255 -23.02 14.76 4.17
C PRO A 255 -23.74 13.96 5.23
N ALA A 256 -24.79 13.23 4.84
CA ALA A 256 -25.63 12.50 5.79
C ALA A 256 -25.17 11.05 5.98
N ALA A 257 -24.34 10.57 5.06
CA ALA A 257 -23.85 9.19 5.12
C ALA A 257 -23.18 8.93 6.46
N LYS A 258 -23.16 7.66 6.86
CA LYS A 258 -22.59 7.26 8.14
C LYS A 258 -21.11 7.60 8.24
N ALA A 259 -20.36 7.27 7.19
CA ALA A 259 -18.93 7.57 7.17
C ALA A 259 -18.70 9.07 7.19
N SER A 260 -19.55 9.82 6.49
CA SER A 260 -19.46 11.27 6.47
C SER A 260 -19.67 11.90 7.85
N LYS A 261 -20.68 11.45 8.58
CA LYS A 261 -20.89 11.97 9.94
C LYS A 261 -19.75 11.56 10.87
N ALA A 262 -19.25 10.35 10.72
CA ALA A 262 -18.15 9.88 11.55
C ALA A 262 -16.90 10.75 11.38
N VAL A 263 -16.53 11.04 10.13
CA VAL A 263 -15.39 11.87 9.85
C VAL A 263 -15.59 13.32 10.31
N ARG A 264 -16.77 13.88 10.04
CA ARG A 264 -17.12 15.22 10.52
C ARG A 264 -17.01 15.31 12.03
N GLN A 265 -17.57 14.34 12.74
CA GLN A 265 -17.51 14.35 14.21
C GLN A 265 -16.10 14.12 14.75
N MET A 266 -15.32 13.29 14.06
CA MET A 266 -13.91 13.11 14.37
C MET A 266 -13.16 14.44 14.32
N ALA A 267 -13.37 15.20 13.25
CA ALA A 267 -12.69 16.49 13.06
C ALA A 267 -13.13 17.51 14.11
N PHE A 268 -14.43 17.53 14.41
CA PHE A 268 -14.99 18.41 15.43
C PHE A 268 -14.34 18.18 16.80
N ARG A 269 -14.20 16.91 17.18
CA ARG A 269 -13.58 16.53 18.44
C ARG A 269 -12.09 16.86 18.49
N TYR A 270 -11.42 16.82 17.33
CA TYR A 270 -9.99 17.12 17.27
C TYR A 270 -9.71 18.62 17.34
N ALA A 271 -10.53 19.41 16.65
CA ALA A 271 -10.33 20.86 16.61
C ALA A 271 -10.70 21.51 17.94
N PRO A 272 -10.09 22.67 18.23
CA PRO A 272 -10.42 23.34 19.50
C PRO A 272 -11.83 23.94 19.49
N SER B 29 15.93 -24.63 -15.32
CA SER B 29 15.97 -23.60 -14.29
C SER B 29 14.57 -23.08 -13.95
N PRO B 30 14.39 -22.59 -12.71
CA PRO B 30 13.07 -22.14 -12.27
C PRO B 30 12.69 -20.85 -12.98
N ARG B 31 11.39 -20.70 -13.24
CA ARG B 31 10.83 -19.48 -13.81
C ARG B 31 10.59 -18.50 -12.67
N THR B 32 11.02 -17.25 -12.82
CA THR B 32 10.83 -16.26 -11.76
C THR B 32 9.66 -15.33 -12.08
N ILE B 33 8.81 -15.08 -11.10
CA ILE B 33 7.66 -14.20 -11.25
C ILE B 33 7.70 -13.15 -10.15
N ALA B 34 7.54 -11.89 -10.50
CA ALA B 34 7.36 -10.87 -9.46
C ALA B 34 5.93 -10.36 -9.53
N VAL B 35 5.23 -10.37 -8.39
CA VAL B 35 3.86 -9.86 -8.31
C VAL B 35 3.91 -8.46 -7.74
N THR B 36 3.30 -7.51 -8.44
CA THR B 36 3.41 -6.11 -8.03
C THR B 36 2.08 -5.38 -8.22
N SER B 37 2.06 -4.11 -7.84
CA SER B 37 0.84 -3.32 -7.91
C SER B 37 1.21 -1.85 -7.89
N GLY B 38 0.25 -1.00 -8.26
CA GLY B 38 0.46 0.44 -8.12
C GLY B 38 0.32 0.91 -6.67
N LYS B 39 -0.55 0.26 -5.92
CA LYS B 39 -0.83 0.68 -4.54
C LYS B 39 -1.32 -0.50 -3.73
N GLY B 40 -1.26 -0.36 -2.41
CA GLY B 40 -1.73 -1.40 -1.52
C GLY B 40 -3.24 -1.46 -1.58
N GLY B 41 -3.81 -2.55 -1.08
CA GLY B 41 -5.25 -2.68 -1.01
C GLY B 41 -5.89 -3.20 -2.28
N VAL B 42 -5.10 -3.82 -3.16
CA VAL B 42 -5.66 -4.40 -4.38
C VAL B 42 -5.75 -5.93 -4.31
N GLY B 43 -5.34 -6.50 -3.18
CA GLY B 43 -5.36 -7.93 -2.98
C GLY B 43 -4.12 -8.61 -3.54
N LYS B 44 -3.04 -7.86 -3.66
CA LYS B 44 -1.82 -8.41 -4.23
C LYS B 44 -1.25 -9.59 -3.42
N SER B 45 -1.16 -9.45 -2.09
CA SER B 45 -0.64 -10.54 -1.25
C SER B 45 -1.54 -11.77 -1.25
N ASN B 46 -2.85 -11.53 -1.20
CA ASN B 46 -3.80 -12.62 -1.32
C ASN B 46 -3.69 -13.34 -2.65
N VAL B 47 -3.55 -12.58 -3.73
CA VAL B 47 -3.32 -13.17 -5.05
C VAL B 47 -2.02 -13.97 -5.07
N SER B 48 -0.91 -13.41 -4.57
CA SER B 48 0.37 -14.11 -4.62
C SER B 48 0.28 -15.48 -3.96
N LEU B 49 -0.28 -15.52 -2.75
CA LEU B 49 -0.32 -16.73 -1.94
C LEU B 49 -1.25 -17.76 -2.57
N ASN B 50 -2.45 -17.32 -2.90
CA ASN B 50 -3.44 -18.24 -3.47
C ASN B 50 -3.13 -18.71 -4.89
N PHE B 51 -2.43 -17.90 -5.69
CA PHE B 51 -1.91 -18.35 -7.00
C PHE B 51 -0.79 -19.36 -6.81
N SER B 52 0.13 -19.07 -5.88
CA SER B 52 1.21 -20.01 -5.57
C SER B 52 0.66 -21.35 -5.11
N LEU B 53 -0.37 -21.31 -4.26
CA LEU B 53 -0.94 -22.55 -3.75
C LEU B 53 -1.61 -23.36 -4.87
N SER B 54 -2.24 -22.66 -5.81
CA SER B 54 -2.85 -23.32 -6.96
C SER B 54 -1.80 -23.98 -7.83
N LEU B 55 -0.67 -23.29 -8.05
CA LEU B 55 0.46 -23.89 -8.76
C LEU B 55 0.96 -25.14 -8.04
N SER B 56 1.12 -25.06 -6.72
CA SER B 56 1.48 -26.22 -5.92
C SER B 56 0.53 -27.40 -6.11
N LYS B 57 -0.78 -27.11 -6.19
CA LYS B 57 -1.79 -28.16 -6.28
C LYS B 57 -1.76 -28.85 -7.62
N LEU B 58 -1.41 -28.11 -8.68
CA LEU B 58 -1.24 -28.71 -10.00
C LEU B 58 -0.02 -29.64 -10.08
N GLY B 59 0.77 -29.68 -9.01
CA GLY B 59 1.91 -30.58 -9.00
C GLY B 59 3.27 -29.93 -9.21
N PHE B 60 3.32 -28.60 -9.27
CA PHE B 60 4.61 -27.91 -9.37
C PHE B 60 5.24 -27.69 -8.02
N ARG B 61 6.56 -27.48 -8.02
CA ARG B 61 7.28 -27.11 -6.83
C ARG B 61 7.47 -25.59 -6.83
N VAL B 62 6.95 -24.94 -5.81
CA VAL B 62 6.92 -23.49 -5.73
C VAL B 62 7.55 -22.96 -4.45
N LEU B 63 8.41 -21.95 -4.60
CA LEU B 63 8.92 -21.17 -3.48
C LEU B 63 8.34 -19.75 -3.56
N LEU B 64 7.57 -19.37 -2.55
CA LEU B 64 7.00 -18.02 -2.47
C LEU B 64 7.81 -17.16 -1.50
N LEU B 65 8.32 -16.03 -1.99
CA LEU B 65 9.14 -15.14 -1.16
C LEU B 65 8.38 -13.84 -0.84
N ASP B 66 8.16 -13.59 0.44
CA ASP B 66 7.51 -12.35 0.89
C ASP B 66 8.56 -11.25 0.98
N MET B 67 8.63 -10.41 -0.06
CA MET B 67 9.66 -9.37 -0.13
C MET B 67 9.28 -8.08 0.59
N ALA B 68 8.26 -8.15 1.44
CA ALA B 68 7.91 -7.02 2.31
C ALA B 68 8.67 -7.14 3.64
N ILE B 69 9.98 -6.89 3.62
CA ILE B 69 10.84 -7.09 4.80
C ILE B 69 10.38 -6.26 6.00
N GLY B 70 10.14 -6.93 7.12
CA GLY B 70 9.69 -6.27 8.32
C GLY B 70 8.23 -5.85 8.31
N MET B 71 7.52 -6.21 7.24
CA MET B 71 6.10 -5.88 7.10
C MET B 71 5.38 -6.99 6.33
N GLY B 72 5.87 -8.22 6.46
CA GLY B 72 5.35 -9.32 5.67
C GLY B 72 3.98 -9.78 6.09
N ASN B 73 3.13 -10.07 5.10
CA ASN B 73 1.78 -10.54 5.39
C ASN B 73 1.54 -12.02 5.09
N ILE B 74 2.49 -12.68 4.43
CA ILE B 74 2.31 -14.08 4.06
C ILE B 74 2.04 -14.99 5.28
N ASP B 75 2.86 -14.85 6.33
CA ASP B 75 2.64 -15.62 7.56
C ASP B 75 1.25 -15.42 8.16
N ILE B 76 0.81 -14.16 8.23
CA ILE B 76 -0.51 -13.83 8.77
C ILE B 76 -1.67 -14.47 8.00
N LEU B 77 -1.58 -14.47 6.67
CA LEU B 77 -2.61 -15.04 5.81
C LEU B 77 -2.72 -16.56 5.95
N LEU B 78 -1.61 -17.19 6.33
CA LEU B 78 -1.59 -18.63 6.59
C LEU B 78 -1.87 -18.94 8.06
N GLY B 79 -1.88 -17.91 8.90
CA GLY B 79 -2.07 -18.11 10.33
C GLY B 79 -0.92 -18.92 10.93
N GLU B 80 0.29 -18.54 10.63
CA GLU B 80 1.51 -19.20 11.09
C GLU B 80 2.23 -18.29 12.04
N SER B 81 2.66 -18.84 13.15
CA SER B 81 3.30 -18.05 14.17
C SER B 81 4.59 -17.48 13.62
N SER B 82 4.89 -16.22 13.90
CA SER B 82 6.16 -15.65 13.40
C SER B 82 7.33 -16.37 14.00
N SER B 83 8.28 -16.72 13.15
CA SER B 83 9.48 -17.48 13.47
C SER B 83 10.61 -16.79 12.71
N LEU B 84 11.51 -17.54 12.08
CA LEU B 84 12.55 -16.91 11.27
C LEU B 84 12.03 -16.23 10.00
N ALA B 85 12.55 -15.07 9.75
CA ALA B 85 12.09 -14.36 8.55
C ALA B 85 13.24 -13.70 7.78
N LEU B 86 12.92 -13.21 6.59
CA LEU B 86 13.90 -12.57 5.70
C LEU B 86 14.69 -11.48 6.43
N ALA B 87 13.99 -10.69 7.23
CA ALA B 87 14.61 -9.64 8.02
C ALA B 87 15.73 -10.17 8.91
N ASP B 88 15.61 -11.43 9.31
CA ASP B 88 16.60 -12.15 10.05
C ASP B 88 17.85 -12.47 9.30
N TRP B 89 17.73 -12.76 7.98
CA TRP B 89 18.83 -12.89 7.00
C TRP B 89 19.61 -11.61 6.82
N PHE B 90 18.93 -10.51 6.87
CA PHE B 90 19.50 -9.20 6.95
C PHE B 90 20.27 -9.03 8.26
N SER B 91 19.76 -9.62 9.32
CA SER B 91 20.37 -9.43 10.62
C SER B 91 21.19 -10.52 11.34
N ALA B 92 21.39 -11.75 10.81
CA ALA B 92 22.33 -12.72 11.38
C ALA B 92 23.16 -13.63 10.49
N ARG B 93 23.18 -13.38 9.20
CA ARG B 93 24.11 -14.04 8.33
C ARG B 93 23.68 -15.49 8.20
N LEU B 94 22.50 -15.76 8.74
CA LEU B 94 21.83 -17.02 8.59
C LEU B 94 21.66 -17.30 7.15
N PRO B 95 21.92 -18.63 6.81
CA PRO B 95 21.78 -18.90 5.36
C PRO B 95 20.31 -18.95 4.91
N LEU B 96 20.06 -18.64 3.66
CA LEU B 96 18.70 -18.43 3.17
C LEU B 96 17.87 -19.72 3.28
N SER B 97 18.52 -20.83 3.08
CA SER B 97 17.87 -22.12 3.12
C SER B 97 17.24 -22.47 4.47
N GLU B 98 17.75 -21.95 5.56
CA GLU B 98 17.15 -22.11 6.85
C GLU B 98 15.97 -21.20 7.13
N LEU B 99 15.77 -20.19 6.30
CA LEU B 99 14.55 -19.43 6.35
C LEU B 99 13.31 -20.12 5.74
N VAL B 100 13.55 -21.09 4.87
CA VAL B 100 12.49 -21.73 4.10
C VAL B 100 11.50 -22.48 4.99
N LYS B 101 10.23 -22.08 4.90
CA LYS B 101 9.17 -22.69 5.69
C LYS B 101 8.28 -23.53 4.80
N SER B 102 7.65 -24.55 5.37
CA SER B 102 6.68 -25.36 4.63
C SER B 102 5.26 -24.82 4.85
N GLY B 103 4.50 -24.66 3.76
CA GLY B 103 3.09 -24.28 3.85
C GLY B 103 2.20 -25.41 3.34
N PRO B 104 0.88 -25.16 3.29
CA PRO B 104 -0.01 -26.25 2.82
C PRO B 104 0.30 -26.66 1.37
N GLU B 105 -0.11 -27.86 0.98
CA GLU B 105 0.00 -28.33 -0.41
C GLU B 105 1.42 -28.37 -0.96
N HIS B 106 2.40 -28.58 -0.09
CA HIS B 106 3.81 -28.68 -0.52
C HIS B 106 4.42 -27.34 -0.92
N LEU B 107 3.72 -26.26 -0.62
CA LEU B 107 4.26 -24.93 -0.88
C LEU B 107 5.40 -24.66 0.10
N SER B 108 6.49 -24.09 -0.40
CA SER B 108 7.57 -23.59 0.45
C SER B 108 7.50 -22.07 0.43
N TYR B 109 7.85 -21.43 1.55
CA TYR B 109 7.90 -19.98 1.56
C TYR B 109 8.89 -19.42 2.57
N ILE B 110 9.19 -18.14 2.39
CA ILE B 110 10.09 -17.36 3.24
C ILE B 110 9.33 -16.09 3.64
N ALA B 111 9.09 -15.86 4.93
CA ALA B 111 8.35 -14.69 5.42
C ALA B 111 9.15 -13.39 5.40
N GLY B 112 8.46 -12.26 5.36
CA GLY B 112 9.11 -10.96 5.37
C GLY B 112 9.60 -10.54 6.74
N GLY B 113 8.91 -10.99 7.79
CA GLY B 113 9.33 -10.68 9.15
C GLY B 113 8.51 -9.67 9.95
N THR B 114 8.61 -9.77 11.28
CA THR B 114 8.03 -8.80 12.20
C THR B 114 9.05 -7.71 12.53
N GLY B 115 10.29 -7.93 12.09
CA GLY B 115 11.37 -6.98 12.30
C GLY B 115 11.81 -6.83 13.75
N ALA B 116 12.91 -6.11 13.94
CA ALA B 116 13.41 -5.78 15.27
C ALA B 116 12.82 -4.45 15.73
N ALA B 117 13.45 -3.85 16.75
CA ALA B 117 13.05 -2.53 17.23
C ALA B 117 13.10 -1.52 16.11
N GLN B 118 14.25 -1.44 15.44
CA GLN B 118 14.43 -0.43 14.39
C GLN B 118 14.15 -0.94 12.98
N TRP B 119 13.77 -0.01 12.11
CA TRP B 119 13.45 -0.33 10.72
C TRP B 119 14.69 -0.81 9.95
N GLN B 120 14.48 -1.68 8.97
CA GLN B 120 15.54 -2.15 8.08
C GLN B 120 15.00 -2.32 6.66
N GLY B 121 15.75 -1.85 5.68
CA GLY B 121 15.36 -2.01 4.28
C GLY B 121 16.46 -2.56 3.38
N LEU B 122 16.08 -2.93 2.17
CA LEU B 122 17.03 -3.45 1.18
C LEU B 122 17.61 -2.32 0.32
N ASP B 123 18.91 -2.38 0.05
CA ASP B 123 19.55 -1.55 -0.97
C ASP B 123 20.01 -2.43 -2.13
N THR B 124 20.52 -1.81 -3.19
CA THR B 124 20.94 -2.55 -4.38
C THR B 124 22.05 -3.57 -4.11
N ALA B 125 22.93 -3.26 -3.17
CA ALA B 125 24.00 -4.17 -2.79
C ALA B 125 23.45 -5.41 -2.09
N SER B 126 22.60 -5.18 -1.08
CA SER B 126 21.98 -6.26 -0.32
C SER B 126 20.97 -7.05 -1.16
N ILE B 127 20.36 -6.39 -2.14
CA ILE B 127 19.51 -7.09 -3.12
C ILE B 127 20.39 -8.04 -3.91
N ASP B 128 21.58 -7.55 -4.29
CA ASP B 128 22.53 -8.34 -5.08
C ASP B 128 22.94 -9.63 -4.39
N ARG B 129 23.38 -9.52 -3.14
CA ARG B 129 23.81 -10.71 -2.41
C ARG B 129 22.64 -11.68 -2.19
N PHE B 130 21.45 -11.13 -1.94
CA PHE B 130 20.24 -11.93 -1.76
C PHE B 130 19.98 -12.81 -2.99
N LEU B 131 19.99 -12.19 -4.17
CA LEU B 131 19.80 -12.93 -5.42
C LEU B 131 20.83 -14.06 -5.59
N THR B 132 22.04 -13.85 -5.08
CA THR B 132 23.10 -14.84 -5.20
C THR B 132 22.84 -16.08 -4.35
N GLU B 133 22.54 -15.89 -3.07
CA GLU B 133 22.23 -17.00 -2.18
C GLU B 133 20.93 -17.71 -2.57
N LEU B 134 20.11 -17.01 -3.36
CA LEU B 134 18.80 -17.53 -3.77
C LEU B 134 18.90 -18.61 -4.84
N GLN B 135 19.76 -18.40 -5.84
CA GLN B 135 19.94 -19.41 -6.88
C GLN B 135 20.56 -20.70 -6.34
N ALA B 136 21.35 -20.58 -5.27
CA ALA B 136 21.90 -21.73 -4.56
C ALA B 136 20.83 -22.73 -4.12
N VAL B 137 19.66 -22.20 -3.73
CA VAL B 137 18.52 -23.04 -3.35
C VAL B 137 17.36 -22.94 -4.34
N ALA B 138 17.59 -22.24 -5.45
CA ALA B 138 16.55 -22.02 -6.46
C ALA B 138 16.30 -23.26 -7.32
N SER B 139 17.39 -23.89 -7.77
CA SER B 139 17.34 -24.96 -8.78
C SER B 139 16.38 -26.12 -8.48
N GLN B 140 15.88 -26.17 -7.26
CA GLN B 140 15.01 -27.26 -6.82
C GLN B 140 13.56 -27.05 -7.31
N TYR B 141 13.18 -25.78 -7.47
CA TYR B 141 11.80 -25.42 -7.74
C TYR B 141 11.54 -25.21 -9.22
N ASP B 142 10.27 -25.34 -9.63
CA ASP B 142 9.85 -24.96 -10.97
C ASP B 142 9.56 -23.45 -11.02
N TYR B 143 9.04 -22.92 -9.92
CA TYR B 143 8.70 -21.50 -9.87
C TYR B 143 9.19 -20.78 -8.63
N LEU B 144 9.73 -19.58 -8.83
CA LEU B 144 10.11 -18.68 -7.72
C LEU B 144 9.20 -17.46 -7.80
N ILE B 145 8.35 -17.25 -6.80
CA ILE B 145 7.36 -16.17 -6.88
C ILE B 145 7.61 -15.13 -5.79
N PHE B 146 7.80 -13.88 -6.22
CA PHE B 146 8.17 -12.81 -5.30
C PHE B 146 6.96 -11.93 -5.05
N ASP B 147 6.50 -11.89 -3.81
CA ASP B 147 5.46 -10.94 -3.41
C ASP B 147 6.13 -9.60 -3.11
N MET B 148 6.12 -8.70 -4.09
CA MET B 148 6.86 -7.45 -3.98
C MET B 148 6.16 -6.48 -3.05
N GLY B 149 6.92 -5.55 -2.46
CA GLY B 149 6.30 -4.48 -1.71
C GLY B 149 5.43 -3.71 -2.69
N ALA B 150 4.30 -3.17 -2.20
CA ALA B 150 3.38 -2.46 -3.09
C ALA B 150 4.00 -1.17 -3.58
N GLY B 151 3.64 -0.77 -4.80
CA GLY B 151 4.12 0.49 -5.35
C GLY B 151 5.56 0.43 -5.79
N ALA B 152 6.15 1.60 -6.05
CA ALA B 152 7.53 1.69 -6.52
C ALA B 152 8.50 2.24 -5.47
N SER B 153 9.76 1.87 -5.61
CA SER B 153 10.84 2.44 -4.83
C SER B 153 12.03 2.18 -5.71
N GLY B 154 13.13 2.91 -5.51
CA GLY B 154 14.31 2.71 -6.32
C GLY B 154 14.77 1.26 -6.26
N GLU B 155 14.74 0.69 -5.07
CA GLU B 155 15.26 -0.65 -4.81
C GLU B 155 14.34 -1.73 -5.37
N ARG B 156 13.03 -1.49 -5.30
CA ARG B 156 12.07 -2.42 -5.89
C ARG B 156 12.19 -2.50 -7.41
N LEU B 157 12.28 -1.36 -8.07
CA LEU B 157 12.39 -1.33 -9.54
C LEU B 157 13.69 -1.97 -10.00
N TYR B 158 14.72 -1.88 -9.16
CA TYR B 158 15.99 -2.55 -9.39
C TYR B 158 15.79 -4.07 -9.40
N PHE B 159 15.13 -4.58 -8.37
CA PHE B 159 14.88 -6.01 -8.24
C PHE B 159 14.08 -6.57 -9.43
N LEU B 160 13.14 -5.77 -9.94
CA LEU B 160 12.17 -6.22 -10.93
C LEU B 160 12.71 -6.43 -12.35
N LYS B 161 13.90 -5.90 -12.64
CA LYS B 161 14.43 -6.00 -14.00
C LYS B 161 14.97 -7.40 -14.34
N SER B 162 15.18 -8.22 -13.32
CA SER B 162 15.77 -9.55 -13.52
C SER B 162 14.77 -10.68 -13.73
N VAL B 163 13.53 -10.52 -13.25
CA VAL B 163 12.53 -11.60 -13.30
C VAL B 163 12.04 -11.95 -14.70
N ASP B 164 11.47 -13.14 -14.87
CA ASP B 164 11.00 -13.59 -16.18
C ASP B 164 9.61 -13.06 -16.49
N ASP B 165 8.77 -12.96 -15.48
CA ASP B 165 7.39 -12.50 -15.62
C ASP B 165 7.09 -11.46 -14.56
N VAL B 166 6.44 -10.36 -14.94
CA VAL B 166 5.97 -9.39 -13.95
C VAL B 166 4.44 -9.39 -13.97
N PHE B 167 3.83 -9.81 -12.86
CA PHE B 167 2.37 -9.74 -12.72
C PHE B 167 1.98 -8.39 -12.08
N VAL B 168 0.97 -7.73 -12.63
CA VAL B 168 0.53 -6.44 -12.09
C VAL B 168 -0.91 -6.56 -11.66
N VAL B 169 -1.16 -6.35 -10.37
CA VAL B 169 -2.50 -6.52 -9.83
C VAL B 169 -3.19 -5.16 -9.71
N THR B 170 -4.42 -5.11 -10.17
CA THR B 170 -5.21 -3.89 -10.05
C THR B 170 -6.64 -4.24 -9.79
N THR B 171 -7.41 -3.24 -9.35
CA THR B 171 -8.85 -3.38 -9.29
C THR B 171 -9.48 -2.37 -10.26
N PRO B 172 -10.82 -2.36 -10.36
CA PRO B 172 -11.46 -1.43 -11.29
C PRO B 172 -11.55 0.01 -10.79
N GLU B 173 -11.11 0.29 -9.56
CA GLU B 173 -11.11 1.69 -9.08
C GLU B 173 -10.10 2.57 -9.82
N PRO B 174 -10.49 3.84 -10.08
CA PRO B 174 -9.63 4.79 -10.81
C PRO B 174 -8.25 4.96 -10.19
N THR B 175 -8.16 5.02 -8.86
CA THR B 175 -6.87 5.19 -8.17
C THR B 175 -5.96 3.99 -8.42
N ALA B 176 -6.50 2.79 -8.23
CA ALA B 176 -5.74 1.56 -8.46
C ALA B 176 -5.28 1.45 -9.91
N MET B 177 -6.16 1.79 -10.85
CA MET B 177 -5.83 1.68 -12.26
C MET B 177 -4.77 2.70 -12.67
N THR B 178 -4.91 3.93 -12.16
CA THR B 178 -3.94 4.99 -12.47
C THR B 178 -2.57 4.59 -11.94
N ASP B 179 -2.55 4.01 -10.74
CA ASP B 179 -1.28 3.63 -10.12
C ASP B 179 -0.68 2.40 -10.80
N ALA B 180 -1.52 1.46 -11.26
CA ALA B 180 -1.03 0.32 -12.04
C ALA B 180 -0.32 0.81 -13.31
N TYR B 181 -0.93 1.76 -14.00
CA TYR B 181 -0.30 2.31 -15.19
C TYR B 181 1.04 2.98 -14.88
N ALA B 182 1.07 3.84 -13.86
CA ALA B 182 2.33 4.45 -13.42
C ALA B 182 3.38 3.38 -13.13
N MET B 183 2.99 2.33 -12.41
CA MET B 183 3.93 1.26 -12.08
C MET B 183 4.54 0.63 -13.34
N MET B 184 3.71 0.36 -14.34
CA MET B 184 4.20 -0.21 -15.60
C MET B 184 5.14 0.75 -16.32
N LYS B 185 4.78 2.03 -16.32
CA LYS B 185 5.65 3.06 -16.89
C LYS B 185 7.03 3.07 -16.22
N TYR B 186 7.06 3.00 -14.88
CA TYR B 186 8.32 3.08 -14.12
C TYR B 186 9.18 1.84 -14.32
N MET B 187 8.57 0.66 -14.25
CA MET B 187 9.31 -0.58 -14.50
C MET B 187 9.92 -0.57 -15.90
N HIS B 188 9.16 -0.10 -16.89
CA HIS B 188 9.63 0.05 -18.27
C HIS B 188 10.74 1.11 -18.39
N ALA B 189 10.52 2.28 -17.79
CA ALA B 189 11.54 3.34 -17.77
C ALA B 189 12.84 2.85 -17.15
N ALA B 190 12.73 2.03 -16.12
CA ALA B 190 13.90 1.49 -15.45
C ALA B 190 14.46 0.27 -16.20
N GLY B 191 14.06 0.10 -17.45
CA GLY B 191 14.62 -0.91 -18.34
C GLY B 191 14.21 -2.36 -18.08
N SER B 192 13.08 -2.56 -17.40
CA SER B 192 12.53 -3.91 -17.33
C SER B 192 12.00 -4.25 -18.71
N GLU B 193 12.36 -5.43 -19.22
CA GLU B 193 11.91 -5.83 -20.54
C GLU B 193 11.01 -7.06 -20.43
N ALA B 194 10.78 -7.51 -19.21
CA ALA B 194 9.90 -8.64 -18.95
C ALA B 194 8.47 -8.41 -19.46
N PRO B 195 7.79 -9.49 -19.86
CA PRO B 195 6.38 -9.36 -20.25
C PRO B 195 5.52 -8.98 -19.04
N PHE B 196 4.61 -8.00 -19.20
CA PHE B 196 3.69 -7.60 -18.12
C PHE B 196 2.33 -8.30 -18.29
N SER B 197 1.87 -8.98 -17.23
CA SER B 197 0.54 -9.59 -17.24
C SER B 197 -0.33 -8.98 -16.17
N VAL B 198 -1.54 -8.58 -16.55
CA VAL B 198 -2.43 -7.91 -15.62
C VAL B 198 -3.36 -8.91 -14.98
N ILE B 199 -3.60 -8.73 -13.67
CA ILE B 199 -4.59 -9.51 -12.95
C ILE B 199 -5.59 -8.48 -12.46
N VAL B 200 -6.81 -8.53 -13.00
CA VAL B 200 -7.84 -7.61 -12.53
C VAL B 200 -8.65 -8.29 -11.44
N ASN B 201 -8.43 -7.83 -10.20
CA ASN B 201 -9.02 -8.46 -9.01
C ASN B 201 -10.19 -7.58 -8.52
N ARG B 202 -11.09 -8.18 -7.75
CA ARG B 202 -12.26 -7.47 -7.24
C ARG B 202 -13.17 -6.97 -8.36
N ALA B 203 -13.20 -7.69 -9.48
CA ALA B 203 -14.05 -7.30 -10.59
C ALA B 203 -15.52 -7.54 -10.20
N GLY B 204 -16.42 -6.63 -10.57
CA GLY B 204 -17.82 -6.81 -10.22
C GLY B 204 -18.53 -7.75 -11.18
N LYS B 205 -18.23 -7.62 -12.46
CA LYS B 205 -18.76 -8.47 -13.51
C LYS B 205 -17.62 -8.83 -14.44
N GLU B 206 -17.74 -9.95 -15.15
CA GLU B 206 -16.62 -10.39 -15.98
C GLU B 206 -16.34 -9.43 -17.14
N ARG B 207 -17.37 -8.77 -17.66
CA ARG B 207 -17.10 -7.77 -18.70
C ARG B 207 -16.29 -6.62 -18.12
N GLU B 208 -16.66 -6.18 -16.92
CA GLU B 208 -15.95 -5.07 -16.26
C GLU B 208 -14.44 -5.34 -16.18
N GLY B 209 -14.07 -6.60 -15.96
CA GLY B 209 -12.68 -6.98 -15.85
C GLY B 209 -11.94 -6.79 -17.16
N TYR B 210 -12.56 -7.23 -18.25
CA TYR B 210 -11.97 -7.11 -19.58
C TYR B 210 -11.82 -5.65 -19.98
N GLU B 211 -12.73 -4.80 -19.53
CA GLU B 211 -12.72 -3.39 -19.90
C GLU B 211 -11.67 -2.60 -19.13
N VAL B 212 -11.49 -2.94 -17.85
CA VAL B 212 -10.36 -2.45 -17.07
C VAL B 212 -9.08 -2.76 -17.83
N PHE B 213 -8.93 -4.01 -18.26
CA PHE B 213 -7.73 -4.44 -18.96
C PHE B 213 -7.54 -3.70 -20.27
N GLU B 214 -8.61 -3.51 -21.04
CA GLU B 214 -8.51 -2.82 -22.33
C GLU B 214 -8.00 -1.40 -22.17
N ARG B 215 -8.55 -0.71 -21.18
CA ARG B 215 -8.08 0.62 -20.80
C ARG B 215 -6.57 0.64 -20.51
N LEU B 216 -6.11 -0.29 -19.68
CA LEU B 216 -4.69 -0.36 -19.34
C LEU B 216 -3.84 -0.72 -20.55
N LYS B 217 -4.34 -1.66 -21.35
CA LYS B 217 -3.67 -2.06 -22.58
C LYS B 217 -3.57 -0.90 -23.58
N HIS B 218 -4.63 -0.10 -23.67
CA HIS B 218 -4.61 1.04 -24.57
C HIS B 218 -3.55 2.06 -24.17
N VAL B 219 -3.54 2.46 -22.90
CA VAL B 219 -2.63 3.52 -22.45
C VAL B 219 -1.14 3.09 -22.48
N THR B 220 -0.87 1.85 -22.11
CA THR B 220 0.50 1.33 -22.14
C THR B 220 1.04 1.21 -23.58
N GLY B 221 0.20 0.76 -24.51
CA GLY B 221 0.63 0.56 -25.88
C GLY B 221 0.85 1.88 -26.60
N ARG B 222 -0.06 2.81 -26.40
CA ARG B 222 0.01 4.12 -27.05
C ARG B 222 1.15 5.00 -26.53
N PHE B 223 1.30 5.08 -25.21
CA PHE B 223 2.28 5.97 -24.61
C PHE B 223 3.66 5.33 -24.42
N LEU B 224 3.69 4.01 -24.25
CA LEU B 224 4.92 3.28 -23.89
C LEU B 224 5.38 2.35 -25.00
N ASN B 225 4.51 2.14 -25.98
CA ASN B 225 4.75 1.15 -27.04
C ASN B 225 5.01 -0.23 -26.43
N LYS B 226 4.32 -0.48 -25.32
CA LYS B 226 4.47 -1.72 -24.53
C LYS B 226 3.21 -2.58 -24.66
N ASP B 227 3.36 -3.81 -25.16
CA ASP B 227 2.19 -4.70 -25.32
C ASP B 227 2.01 -5.61 -24.10
N ILE B 228 0.94 -5.38 -23.34
CA ILE B 228 0.68 -6.19 -22.14
C ILE B 228 -0.45 -7.20 -22.36
N ALA B 229 -0.49 -8.22 -21.49
CA ALA B 229 -1.44 -9.33 -21.60
C ALA B 229 -2.31 -9.42 -20.35
N LEU B 230 -3.45 -10.09 -20.48
CA LEU B 230 -4.33 -10.32 -19.33
C LEU B 230 -4.06 -11.71 -18.76
N LEU B 231 -3.65 -11.78 -17.51
CA LEU B 231 -3.43 -13.08 -16.88
C LEU B 231 -4.76 -13.70 -16.42
N GLY B 232 -5.66 -12.87 -15.91
CA GLY B 232 -6.92 -13.37 -15.41
C GLY B 232 -7.75 -12.33 -14.69
N ILE B 233 -9.01 -12.67 -14.44
CA ILE B 233 -9.92 -11.77 -13.77
C ILE B 233 -10.48 -12.49 -12.55
N ILE B 234 -10.36 -11.89 -11.38
CA ILE B 234 -10.88 -12.48 -10.16
C ILE B 234 -12.02 -11.62 -9.65
N PRO B 235 -13.19 -12.23 -9.41
CA PRO B 235 -14.36 -11.43 -9.02
C PRO B 235 -14.30 -10.97 -7.56
N GLU B 236 -15.06 -9.98 -7.21
CA GLU B 236 -15.28 -9.64 -5.86
C GLU B 236 -15.98 -10.84 -5.22
N ASP B 237 -15.50 -11.28 -4.07
CA ASP B 237 -16.01 -12.43 -3.38
C ASP B 237 -15.83 -12.28 -1.86
N ARG B 238 -16.89 -12.46 -1.08
CA ARG B 238 -16.81 -12.38 0.39
C ARG B 238 -15.94 -13.42 1.04
N THR B 239 -15.72 -14.51 0.37
CA THR B 239 -14.93 -15.61 0.81
C THR B 239 -13.49 -15.08 1.09
N VAL B 240 -13.04 -14.13 0.29
CA VAL B 240 -11.71 -13.62 0.46
C VAL B 240 -11.58 -12.94 1.80
N ALA B 241 -12.55 -12.13 2.14
CA ALA B 241 -12.53 -11.44 3.38
C ALA B 241 -12.58 -12.45 4.51
N ARG B 242 -13.50 -13.37 4.39
CA ARG B 242 -13.61 -14.50 5.31
C ARG B 242 -12.26 -15.24 5.49
N ALA B 243 -11.55 -15.48 4.39
CA ALA B 243 -10.26 -16.17 4.44
C ALA B 243 -9.20 -15.38 5.23
N VAL B 244 -9.21 -14.07 5.05
CA VAL B 244 -8.27 -13.19 5.75
C VAL B 244 -8.51 -13.13 7.25
N VAL B 245 -9.77 -12.96 7.66
CA VAL B 245 -10.12 -12.93 9.08
C VAL B 245 -9.77 -14.25 9.76
N SER B 246 -10.14 -15.36 9.13
CA SER B 246 -9.88 -16.68 9.70
C SER B 246 -8.44 -17.15 9.45
N GLN B 247 -7.66 -16.36 8.72
CA GLN B 247 -6.27 -16.72 8.46
C GLN B 247 -6.10 -18.11 7.82
N THR B 248 -6.91 -18.35 6.79
CA THR B 248 -6.87 -19.57 5.97
C THR B 248 -7.12 -19.21 4.51
N PRO B 249 -6.15 -19.48 3.62
CA PRO B 249 -6.23 -19.03 2.22
C PRO B 249 -7.51 -19.51 1.55
N PHE B 250 -8.15 -18.61 0.80
CA PHE B 250 -9.46 -18.91 0.24
C PHE B 250 -9.53 -20.10 -0.70
N VAL B 251 -8.45 -20.37 -1.44
CA VAL B 251 -8.47 -21.52 -2.32
C VAL B 251 -8.54 -22.82 -1.53
N LEU B 252 -8.13 -22.75 -0.27
CA LEU B 252 -8.17 -23.91 0.62
C LEU B 252 -9.42 -23.90 1.51
N LEU B 253 -9.78 -22.71 2.00
CA LEU B 253 -10.94 -22.56 2.86
C LEU B 253 -12.23 -22.91 2.13
N ASP B 254 -12.31 -22.54 0.85
CA ASP B 254 -13.48 -22.87 0.04
C ASP B 254 -13.14 -22.92 -1.46
N PRO B 255 -12.63 -24.09 -1.91
CA PRO B 255 -12.21 -24.30 -3.30
C PRO B 255 -13.34 -24.10 -4.29
N ALA B 256 -14.59 -24.13 -3.81
CA ALA B 256 -15.72 -23.91 -4.70
C ALA B 256 -16.13 -22.45 -4.86
N ALA B 257 -15.57 -21.55 -4.06
CA ALA B 257 -15.90 -20.13 -4.19
C ALA B 257 -15.52 -19.58 -5.58
N LYS B 258 -16.21 -18.51 -6.00
CA LYS B 258 -15.94 -17.92 -7.31
C LYS B 258 -14.49 -17.45 -7.46
N ALA B 259 -13.98 -16.77 -6.44
CA ALA B 259 -12.59 -16.29 -6.49
C ALA B 259 -11.62 -17.47 -6.54
N SER B 260 -11.94 -18.53 -5.81
CA SER B 260 -11.07 -19.71 -5.74
C SER B 260 -10.96 -20.39 -7.10
N LYS B 261 -12.09 -20.52 -7.80
CA LYS B 261 -12.07 -21.13 -9.13
C LYS B 261 -11.35 -20.21 -10.13
N ALA B 262 -11.58 -18.91 -10.01
CA ALA B 262 -10.95 -17.95 -10.89
C ALA B 262 -9.42 -18.03 -10.79
N VAL B 263 -8.91 -18.12 -9.56
CA VAL B 263 -7.47 -18.23 -9.32
C VAL B 263 -6.93 -19.60 -9.75
N ARG B 264 -7.64 -20.67 -9.45
CA ARG B 264 -7.21 -22.00 -9.94
C ARG B 264 -7.11 -21.99 -11.46
N GLN B 265 -8.11 -21.41 -12.11
CA GLN B 265 -8.15 -21.31 -13.56
C GLN B 265 -7.00 -20.45 -14.16
N MET B 266 -6.72 -19.32 -13.52
CA MET B 266 -5.59 -18.48 -13.90
C MET B 266 -4.28 -19.28 -13.87
N ALA B 267 -4.03 -19.98 -12.77
CA ALA B 267 -2.85 -20.83 -12.62
C ALA B 267 -2.77 -21.94 -13.68
N PHE B 268 -3.89 -22.59 -13.95
CA PHE B 268 -3.93 -23.62 -14.99
C PHE B 268 -3.56 -23.05 -16.35
N ARG B 269 -4.18 -21.95 -16.74
CA ARG B 269 -3.88 -21.31 -18.03
C ARG B 269 -2.44 -20.85 -18.15
N TYR B 270 -1.84 -20.41 -17.04
CA TYR B 270 -0.45 -19.97 -17.03
C TYR B 270 0.53 -21.11 -17.20
N ALA B 271 0.27 -22.23 -16.52
CA ALA B 271 1.18 -23.38 -16.54
C ALA B 271 1.14 -24.17 -17.85
N PRO B 272 2.28 -24.78 -18.24
CA PRO B 272 2.37 -25.49 -19.52
C PRO B 272 1.54 -26.77 -19.50
#